data_4Y2A
#
_entry.id   4Y2A
#
_cell.length_a   74.740
_cell.length_b   74.740
_cell.length_c   289.050
_cell.angle_alpha   90.00
_cell.angle_beta   90.00
_cell.angle_gamma   90.00
#
_symmetry.space_group_name_H-M   'P 43 21 2'
#
loop_
_entity.id
_entity.type
_entity.pdbx_description
1 polymer '3D polymerase'
2 non-polymer "2,2'-[(4-chlorobenzene-1,2-diyl)bis(oxy)]bis(5-nitrobenzonitrile)"
3 non-polymer 'SULFATE ION'
4 non-polymer GLYCEROL
5 water water
#
_entity_poly.entity_id   1
_entity_poly.type   'polypeptide(L)'
_entity_poly.pdbx_seq_one_letter_code
;GEIEFIESSKDAGFPVINTPSKTKLEPSVFHQVFEGNKEPAVLRSGDPRLKANFEEAIFSKYIGNVNTHVDEYMLEAVDH
YAGQLATLDISTEPMKLEDAVYGTEGLEALDLTTSAGYPYVALGIKKRDILSKKTKDLTKLKECMDKYGLNLPMVTYVKD
ELRSIEKVAKGKSRLIEASSLNDSVAMRQTFGNLYKTFHLNPGVVTGSAVGCDPDLFWSKIPVMLDGHLIAFDYSGYDAS
LSPVWFACLKMLLEKLGYTHKETNYIDYLCNSHHLYRDKHYFVRGGMPSGCSGTSIFNSMINNIIIRTLMLKVYKGIDLD
QFRMIAYGDDVIASYPWPIDASLLAEAGKGYGLIMTPADKGECFNEVTWTNATFLKRYFRADEQYPFLVHPVMPMKDIHE
SIRWTKDPKNTQDHVRSLCLLAWHNGEHEYEEFIRKIRSVPVGRCLTLPAFSTLRRKWLDSFHHHH
;
_entity_poly.pdbx_strand_id   A
#
# COMPACT_ATOMS: atom_id res chain seq x y z
N GLY A 1 13.68 -7.75 7.37
CA GLY A 1 13.00 -9.02 7.82
C GLY A 1 13.77 -10.29 7.48
N GLU A 2 13.62 -11.31 8.32
CA GLU A 2 14.33 -12.57 8.16
C GLU A 2 13.50 -13.80 8.52
N ILE A 3 13.53 -14.77 7.61
CA ILE A 3 12.90 -16.07 7.83
C ILE A 3 13.78 -16.89 8.74
N GLU A 4 13.26 -17.27 9.90
CA GLU A 4 14.07 -17.92 10.91
C GLU A 4 13.94 -19.41 10.92
N PHE A 5 12.76 -19.92 10.60
CA PHE A 5 12.46 -21.34 10.72
C PHE A 5 11.56 -21.72 9.52
N ILE A 6 11.77 -22.91 8.95
CA ILE A 6 10.89 -23.43 7.90
C ILE A 6 10.88 -24.94 8.13
N GLU A 7 9.72 -25.46 8.50
CA GLU A 7 9.47 -26.88 8.46
C GLU A 7 8.25 -27.07 7.57
N SER A 8 7.81 -28.33 7.43
CA SER A 8 6.56 -28.68 6.75
C SER A 8 5.32 -28.61 7.68
N SER A 9 4.25 -27.94 7.21
CA SER A 9 2.98 -27.79 7.93
C SER A 9 2.57 -29.11 8.64
N LYS A 10 2.54 -30.17 7.82
CA LYS A 10 2.38 -31.57 8.23
C LYS A 10 2.97 -31.91 9.61
N ASP A 11 4.26 -31.63 9.82
CA ASP A 11 4.96 -32.02 11.06
C ASP A 11 4.53 -31.23 12.29
N ALA A 12 3.74 -30.18 12.08
CA ALA A 12 3.23 -29.35 13.17
C ALA A 12 1.71 -29.40 13.22
N GLY A 13 1.11 -30.28 12.42
CA GLY A 13 -0.32 -30.47 12.48
C GLY A 13 -1.17 -29.57 11.61
N PHE A 14 -0.56 -28.66 10.87
CA PHE A 14 -1.39 -27.80 10.01
C PHE A 14 -1.69 -28.53 8.73
N PRO A 15 -2.87 -28.28 8.19
CA PRO A 15 -3.21 -28.84 6.90
C PRO A 15 -2.59 -28.02 5.79
N VAL A 16 -2.59 -28.58 4.60
CA VAL A 16 -2.03 -27.89 3.47
C VAL A 16 -3.05 -26.83 3.15
N ILE A 17 -2.59 -25.59 3.09
CA ILE A 17 -3.43 -24.50 2.62
C ILE A 17 -3.46 -24.57 1.11
N ASN A 18 -4.62 -24.57 0.52
CA ASN A 18 -4.65 -24.82 -0.88
C ASN A 18 -5.02 -23.60 -1.68
N THR A 19 -4.03 -22.79 -2.01
CA THR A 19 -4.28 -21.56 -2.79
C THR A 19 -4.51 -21.98 -4.24
N PRO A 20 -5.12 -21.10 -5.06
CA PRO A 20 -5.30 -21.48 -6.47
C PRO A 20 -3.98 -21.21 -7.21
N SER A 21 -3.54 -22.11 -8.09
CA SER A 21 -2.22 -21.89 -8.75
C SER A 21 -2.24 -21.46 -10.23
N LYS A 22 -3.42 -21.25 -10.81
CA LYS A 22 -3.55 -20.73 -12.18
C LYS A 22 -4.10 -19.27 -12.12
N THR A 23 -3.53 -18.36 -12.89
CA THR A 23 -3.96 -16.96 -12.77
C THR A 23 -5.42 -16.79 -13.19
N LYS A 24 -6.06 -15.76 -12.65
CA LYS A 24 -7.43 -15.37 -12.99
C LYS A 24 -7.45 -14.32 -14.10
N LEU A 25 -6.27 -13.98 -14.62
CA LEU A 25 -6.15 -12.88 -15.55
C LEU A 25 -6.15 -13.50 -16.92
N GLU A 26 -7.04 -13.06 -17.79
CA GLU A 26 -7.06 -13.59 -19.14
C GLU A 26 -7.08 -12.41 -20.09
N PRO A 27 -6.54 -12.56 -21.30
CA PRO A 27 -6.55 -11.47 -22.27
C PRO A 27 -7.91 -10.89 -22.51
N SER A 28 -8.02 -9.58 -22.45
CA SER A 28 -9.32 -8.96 -22.61
C SER A 28 -9.67 -8.84 -24.07
N VAL A 29 -10.87 -8.37 -24.29
CA VAL A 29 -11.32 -8.13 -25.60
C VAL A 29 -10.58 -6.96 -26.26
N PHE A 30 -9.69 -6.26 -25.55
CA PHE A 30 -8.93 -5.12 -26.13
C PHE A 30 -7.46 -5.42 -26.20
N HIS A 31 -7.06 -6.65 -25.87
CA HIS A 31 -5.66 -7.03 -25.84
C HIS A 31 -4.92 -6.74 -27.16
N GLN A 32 -5.54 -6.99 -28.30
CA GLN A 32 -4.91 -6.66 -29.60
C GLN A 32 -4.88 -5.16 -29.85
N VAL A 33 -5.99 -4.49 -29.57
CA VAL A 33 -6.13 -3.06 -29.88
C VAL A 33 -5.09 -2.12 -29.25
N PHE A 34 -4.59 -2.45 -28.06
CA PHE A 34 -3.58 -1.65 -27.39
C PHE A 34 -2.33 -2.46 -27.19
N GLU A 35 -1.21 -1.76 -27.09
CA GLU A 35 0.06 -2.41 -26.90
C GLU A 35 0.45 -2.42 -25.42
N GLY A 36 1.15 -3.48 -25.02
CA GLY A 36 1.75 -3.55 -23.71
C GLY A 36 2.71 -4.73 -23.58
N ASN A 37 3.53 -4.72 -22.53
CA ASN A 37 4.56 -5.70 -22.28
C ASN A 37 4.34 -6.47 -21.03
N LYS A 38 3.22 -6.25 -20.36
CA LYS A 38 3.09 -6.84 -19.04
C LYS A 38 2.26 -8.10 -19.13
N GLU A 39 2.50 -8.99 -18.17
CA GLU A 39 1.77 -10.23 -18.06
C GLU A 39 1.56 -10.63 -16.60
N PRO A 40 0.57 -11.51 -16.33
CA PRO A 40 0.35 -12.07 -15.03
C PRO A 40 1.58 -12.57 -14.35
N ALA A 41 1.71 -12.22 -13.07
CA ALA A 41 2.83 -12.67 -12.29
C ALA A 41 2.83 -14.19 -12.30
N VAL A 42 4.01 -14.77 -12.10
CA VAL A 42 4.11 -16.20 -11.90
C VAL A 42 3.55 -16.56 -10.55
N LEU A 43 2.73 -17.61 -10.54
CA LEU A 43 2.05 -18.11 -9.36
C LEU A 43 2.50 -19.50 -8.91
N ARG A 44 3.19 -20.28 -9.76
CA ARG A 44 3.62 -21.63 -9.39
C ARG A 44 4.98 -21.98 -9.95
N SER A 45 5.69 -22.87 -9.27
CA SER A 45 7.08 -23.27 -9.67
C SER A 45 7.25 -23.77 -11.10
N GLY A 46 6.21 -24.44 -11.62
CA GLY A 46 6.24 -25.02 -12.96
C GLY A 46 6.22 -24.03 -14.13
N ASP A 47 5.69 -22.83 -13.90
CA ASP A 47 5.40 -21.85 -14.97
C ASP A 47 6.53 -21.79 -15.95
N PRO A 48 6.22 -22.01 -17.23
CA PRO A 48 7.24 -22.12 -18.25
C PRO A 48 7.94 -20.82 -18.63
N ARG A 49 7.46 -19.67 -18.14
CA ARG A 49 8.13 -18.39 -18.41
C ARG A 49 9.24 -18.12 -17.42
N LEU A 50 9.33 -18.96 -16.38
CA LEU A 50 10.37 -18.78 -15.39
C LEU A 50 11.76 -18.86 -15.99
N LYS A 51 12.64 -17.99 -15.55
CA LYS A 51 14.06 -18.10 -15.83
C LYS A 51 14.78 -17.97 -14.52
N ALA A 52 14.14 -18.43 -13.45
CA ALA A 52 14.87 -18.54 -12.19
C ALA A 52 14.02 -19.40 -11.28
N ASN A 53 14.47 -19.60 -10.05
CA ASN A 53 13.77 -20.43 -9.10
C ASN A 53 12.71 -19.67 -8.26
N PHE A 54 11.45 -19.99 -8.50
CA PHE A 54 10.30 -19.30 -7.91
C PHE A 54 10.39 -19.23 -6.39
N GLU A 55 10.56 -20.36 -5.74
CA GLU A 55 10.53 -20.36 -4.27
C GLU A 55 11.53 -19.37 -3.74
N GLU A 56 12.76 -19.42 -4.27
CA GLU A 56 13.81 -18.54 -3.83
C GLU A 56 13.40 -17.10 -4.13
N ALA A 57 13.13 -16.83 -5.40
CA ALA A 57 12.67 -15.50 -5.83
C ALA A 57 11.69 -14.80 -4.87
N ILE A 58 10.66 -15.48 -4.39
CA ILE A 58 9.58 -14.76 -3.72
C ILE A 58 9.94 -14.42 -2.29
N PHE A 59 10.79 -15.24 -1.71
CA PHE A 59 11.19 -15.04 -0.34
C PHE A 59 12.45 -14.25 -0.20
N SER A 60 13.05 -13.88 -1.34
CA SER A 60 14.36 -13.27 -1.33
C SER A 60 14.27 -11.82 -0.92
N LYS A 61 13.07 -11.26 -0.88
CA LYS A 61 12.92 -9.91 -0.34
C LYS A 61 13.28 -9.80 1.15
N TYR A 62 13.23 -10.91 1.88
CA TYR A 62 13.68 -10.91 3.27
C TYR A 62 15.19 -10.87 3.32
N ILE A 63 15.73 -9.67 3.16
CA ILE A 63 17.17 -9.51 2.94
C ILE A 63 18.06 -9.67 4.14
N GLY A 64 17.50 -9.71 5.34
CA GLY A 64 18.27 -9.76 6.58
C GLY A 64 17.85 -8.63 7.51
N ASN A 65 18.41 -8.59 8.71
CA ASN A 65 18.06 -7.59 9.74
C ASN A 65 19.29 -6.98 10.37
N VAL A 66 19.28 -5.66 10.54
CA VAL A 66 20.41 -5.01 11.22
C VAL A 66 20.10 -4.98 12.70
N ASN A 67 20.92 -5.70 13.46
CA ASN A 67 20.70 -5.81 14.87
C ASN A 67 21.17 -4.52 15.49
N THR A 68 20.25 -3.77 16.07
CA THR A 68 20.60 -2.50 16.68
C THR A 68 19.51 -2.00 17.64
N HIS A 69 19.93 -1.16 18.58
CA HIS A 69 19.01 -0.44 19.43
C HIS A 69 18.57 0.89 18.73
N VAL A 70 17.55 1.51 19.32
CA VAL A 70 17.02 2.76 18.85
C VAL A 70 17.98 3.89 19.21
N ASP A 71 18.73 4.38 18.22
CA ASP A 71 19.74 5.42 18.44
C ASP A 71 19.21 6.85 18.59
N GLU A 72 20.15 7.78 18.74
CA GLU A 72 19.83 9.16 19.12
C GLU A 72 19.07 9.87 18.01
N TYR A 73 19.35 9.49 16.77
CA TYR A 73 18.71 10.11 15.63
C TYR A 73 17.27 9.63 15.47
N MET A 74 17.05 8.34 15.78
CA MET A 74 15.69 7.81 15.79
C MET A 74 14.81 8.50 16.79
N LEU A 75 15.34 8.66 17.99
CA LEU A 75 14.61 9.34 19.07
C LEU A 75 14.11 10.74 18.78
N GLU A 76 14.95 11.54 18.13
CA GLU A 76 14.55 12.91 17.89
C GLU A 76 13.52 12.91 16.77
N ALA A 77 13.73 12.01 15.79
CA ALA A 77 12.76 11.76 14.72
C ALA A 77 11.38 11.34 15.26
N VAL A 78 11.37 10.30 16.09
CA VAL A 78 10.14 9.88 16.72
C VAL A 78 9.51 11.08 17.42
N ASP A 79 10.28 11.82 18.24
CA ASP A 79 9.75 12.99 18.99
C ASP A 79 9.07 14.03 18.10
N HIS A 80 9.77 14.39 17.05
CA HIS A 80 9.33 15.43 16.16
C HIS A 80 8.00 15.07 15.50
N TYR A 81 7.91 13.81 15.03
CA TYR A 81 6.72 13.30 14.31
C TYR A 81 5.55 13.16 15.29
N ALA A 82 5.86 12.56 16.44
CA ALA A 82 4.95 12.46 17.60
C ALA A 82 4.37 13.83 17.88
N GLY A 83 5.23 14.84 17.90
CA GLY A 83 4.83 16.25 17.89
C GLY A 83 3.77 16.64 16.89
N GLN A 84 3.98 16.34 15.62
CA GLN A 84 2.96 16.64 14.59
C GLN A 84 1.63 15.93 14.85
N LEU A 85 1.73 14.69 15.30
CA LEU A 85 0.55 13.86 15.41
C LEU A 85 -0.33 14.27 16.59
N ALA A 86 0.31 14.57 17.72
CA ALA A 86 -0.35 15.26 18.87
C ALA A 86 -1.39 16.31 18.43
N THR A 87 -1.07 17.12 17.42
CA THR A 87 -1.99 18.18 17.02
C THR A 87 -3.32 17.63 16.52
N LEU A 88 -3.35 16.36 16.14
CA LEU A 88 -4.57 15.79 15.54
C LEU A 88 -5.60 15.24 16.54
N ASP A 89 -5.17 14.88 17.74
CA ASP A 89 -6.11 14.45 18.82
C ASP A 89 -6.79 13.11 18.55
N ILE A 90 -5.99 12.07 18.72
CA ILE A 90 -6.32 10.73 18.29
C ILE A 90 -6.81 9.92 19.49
N SER A 91 -8.06 9.50 19.47
CA SER A 91 -8.54 8.64 20.55
C SER A 91 -7.80 7.32 20.57
N THR A 92 -7.16 7.00 21.69
CA THR A 92 -6.64 5.65 21.92
C THR A 92 -7.71 4.72 22.52
N GLU A 93 -8.96 5.18 22.56
CA GLU A 93 -10.05 4.36 23.06
C GLU A 93 -10.35 3.42 21.94
N PRO A 94 -10.65 2.14 22.30
CA PRO A 94 -11.03 1.17 21.27
C PRO A 94 -12.31 1.59 20.58
N MET A 95 -12.62 0.90 19.50
CA MET A 95 -13.69 1.34 18.62
C MET A 95 -14.85 0.35 18.69
N LYS A 96 -16.06 0.91 18.72
CA LYS A 96 -17.28 0.12 18.89
C LYS A 96 -17.16 -0.99 17.84
N LEU A 97 -17.11 -2.23 18.31
CA LEU A 97 -17.07 -3.37 17.43
C LEU A 97 -17.91 -3.24 16.15
N GLU A 98 -19.16 -2.84 16.24
CA GLU A 98 -19.96 -2.66 15.01
C GLU A 98 -19.34 -1.68 14.00
N ASP A 99 -18.64 -0.67 14.52
CA ASP A 99 -18.01 0.35 13.67
C ASP A 99 -16.75 -0.22 12.95
N ALA A 100 -15.92 -0.91 13.74
CA ALA A 100 -14.70 -1.59 13.25
C ALA A 100 -15.01 -2.61 12.17
N VAL A 101 -16.17 -3.25 12.25
CA VAL A 101 -16.48 -4.35 11.35
C VAL A 101 -17.37 -3.97 10.18
N TYR A 102 -18.22 -2.96 10.35
CA TYR A 102 -19.22 -2.75 9.31
C TYR A 102 -19.28 -1.35 8.78
N GLY A 103 -18.33 -0.51 9.19
CA GLY A 103 -18.23 0.81 8.60
C GLY A 103 -18.45 1.92 9.58
N THR A 104 -18.15 3.12 9.10
CA THR A 104 -18.25 4.37 9.84
C THR A 104 -17.40 5.37 9.10
N GLU A 105 -17.56 6.64 9.40
CA GLU A 105 -16.90 7.65 8.62
C GLU A 105 -15.39 7.53 8.82
N GLY A 106 -14.67 7.45 7.69
CA GLY A 106 -13.20 7.28 7.66
C GLY A 106 -12.65 5.87 7.90
N LEU A 107 -13.49 4.84 7.74
CA LEU A 107 -13.05 3.47 7.83
C LEU A 107 -14.07 2.52 7.21
N GLU A 108 -13.83 2.14 5.95
CA GLU A 108 -14.68 1.18 5.27
C GLU A 108 -14.88 -0.09 6.06
N ALA A 109 -16.04 -0.71 5.86
CA ALA A 109 -16.32 -2.04 6.41
C ALA A 109 -15.19 -2.97 6.02
N LEU A 110 -14.94 -3.98 6.86
CA LEU A 110 -14.16 -5.14 6.41
C LEU A 110 -14.61 -5.67 5.05
N ASP A 111 -13.63 -6.00 4.21
CA ASP A 111 -13.90 -6.52 2.88
C ASP A 111 -14.35 -7.99 3.00
N LEU A 112 -15.57 -8.27 2.55
CA LEU A 112 -16.13 -9.64 2.67
C LEU A 112 -15.67 -10.61 1.58
N THR A 113 -15.06 -10.12 0.51
CA THR A 113 -14.57 -11.00 -0.57
C THR A 113 -13.15 -11.54 -0.29
N THR A 114 -12.34 -10.82 0.49
CA THR A 114 -10.98 -11.31 0.80
C THR A 114 -10.98 -12.45 1.80
N SER A 115 -9.83 -13.10 1.94
CA SER A 115 -9.71 -14.25 2.83
C SER A 115 -9.96 -13.98 4.31
N ALA A 116 -10.49 -14.99 5.00
CA ALA A 116 -10.64 -14.96 6.45
C ALA A 116 -9.45 -15.60 7.11
N GLY A 117 -8.60 -16.23 6.32
CA GLY A 117 -7.31 -16.69 6.84
C GLY A 117 -7.49 -17.86 7.74
N TYR A 118 -6.47 -18.22 8.51
CA TYR A 118 -6.54 -19.45 9.30
C TYR A 118 -7.42 -19.24 10.55
N PRO A 119 -8.17 -20.27 11.00
CA PRO A 119 -8.34 -21.64 10.48
C PRO A 119 -9.50 -21.75 9.49
N TYR A 120 -10.33 -20.73 9.47
CA TYR A 120 -11.47 -20.70 8.57
C TYR A 120 -11.18 -21.20 7.17
N VAL A 121 -9.99 -20.96 6.61
CA VAL A 121 -9.73 -21.41 5.21
C VAL A 121 -9.58 -22.91 5.10
N ALA A 122 -9.05 -23.51 6.17
CA ALA A 122 -8.90 -24.95 6.29
C ALA A 122 -10.29 -25.58 6.47
N LEU A 123 -11.13 -24.92 7.26
CA LEU A 123 -12.43 -25.42 7.66
C LEU A 123 -13.55 -25.09 6.68
N GLY A 124 -13.21 -24.57 5.52
CA GLY A 124 -14.22 -24.16 4.54
C GLY A 124 -15.02 -22.92 4.86
N ILE A 125 -14.80 -22.27 6.01
CA ILE A 125 -15.60 -21.08 6.39
C ILE A 125 -15.09 -19.76 5.78
N LYS A 126 -16.03 -18.98 5.22
CA LYS A 126 -15.74 -17.70 4.57
C LYS A 126 -16.30 -16.57 5.37
N LYS A 127 -15.97 -15.35 4.99
CA LYS A 127 -16.39 -14.19 5.77
C LYS A 127 -17.90 -14.04 5.71
N ARG A 128 -18.49 -14.29 4.53
CA ARG A 128 -19.94 -14.12 4.34
C ARG A 128 -20.73 -15.13 5.21
N ASP A 129 -20.12 -16.26 5.57
CA ASP A 129 -20.72 -17.22 6.53
C ASP A 129 -20.71 -16.65 7.93
N ILE A 130 -19.75 -15.78 8.21
CA ILE A 130 -19.64 -15.23 9.54
C ILE A 130 -20.22 -13.82 9.68
N LEU A 131 -20.36 -13.09 8.57
CA LEU A 131 -20.77 -11.70 8.67
C LEU A 131 -21.78 -11.41 7.60
N SER A 132 -22.68 -10.49 7.90
CA SER A 132 -23.69 -10.09 6.94
C SER A 132 -23.69 -8.57 6.87
N LYS A 133 -23.63 -8.04 5.66
CA LYS A 133 -23.73 -6.59 5.46
C LYS A 133 -25.15 -6.15 5.79
N LYS A 134 -26.11 -6.94 5.29
CA LYS A 134 -27.58 -6.71 5.45
C LYS A 134 -28.00 -6.59 6.92
N THR A 135 -27.53 -7.51 7.76
CA THR A 135 -28.06 -7.67 9.13
C THR A 135 -27.13 -7.16 10.25
N LYS A 136 -26.00 -6.57 9.87
CA LYS A 136 -24.87 -6.27 10.77
C LYS A 136 -24.70 -7.21 11.98
N ASP A 137 -24.87 -8.51 11.77
CA ASP A 137 -24.83 -9.46 12.91
C ASP A 137 -23.40 -9.59 13.47
N LEU A 138 -23.28 -9.70 14.81
CA LEU A 138 -21.99 -9.88 15.48
C LEU A 138 -21.94 -11.06 16.46
N THR A 139 -23.03 -11.80 16.58
CA THR A 139 -23.09 -12.86 17.60
C THR A 139 -22.12 -13.98 17.21
N LYS A 140 -22.11 -14.32 15.92
CA LYS A 140 -21.29 -15.41 15.41
C LYS A 140 -19.83 -15.06 15.47
N LEU A 141 -19.49 -13.88 14.96
CA LEU A 141 -18.11 -13.42 15.01
C LEU A 141 -17.62 -13.63 16.42
N LYS A 142 -18.40 -13.10 17.38
CA LYS A 142 -18.06 -13.17 18.80
C LYS A 142 -17.79 -14.61 19.27
N GLU A 143 -18.52 -15.58 18.73
CA GLU A 143 -18.22 -16.98 19.05
C GLU A 143 -16.84 -17.29 18.52
N CYS A 144 -16.62 -16.97 17.24
CA CYS A 144 -15.38 -17.35 16.55
C CYS A 144 -14.15 -16.76 17.16
N MET A 145 -14.26 -15.49 17.53
CA MET A 145 -13.19 -14.79 18.23
C MET A 145 -12.83 -15.47 19.55
N ASP A 146 -13.84 -15.79 20.36
CA ASP A 146 -13.62 -16.53 21.62
C ASP A 146 -13.23 -17.97 21.31
N LYS A 147 -13.88 -18.62 20.36
CA LYS A 147 -13.54 -20.02 20.08
C LYS A 147 -12.06 -20.08 19.82
N TYR A 148 -11.60 -19.29 18.84
CA TYR A 148 -10.24 -19.44 18.29
C TYR A 148 -9.17 -18.46 18.79
N GLY A 149 -9.58 -17.30 19.30
CA GLY A 149 -8.63 -16.33 19.89
C GLY A 149 -7.93 -15.38 18.93
N LEU A 150 -6.77 -14.89 19.37
CA LEU A 150 -5.94 -13.94 18.62
C LEU A 150 -4.56 -14.50 18.47
N ASN A 151 -3.75 -13.88 17.64
CA ASN A 151 -2.37 -14.30 17.41
C ASN A 151 -2.29 -15.58 16.59
N LEU A 152 -3.12 -15.64 15.57
CA LEU A 152 -3.14 -16.82 14.71
C LEU A 152 -2.15 -16.65 13.55
N PRO A 153 -1.82 -17.77 12.92
CA PRO A 153 -0.95 -17.71 11.77
C PRO A 153 -1.54 -16.85 10.68
N MET A 154 -0.69 -16.46 9.76
CA MET A 154 -1.15 -15.69 8.62
C MET A 154 -1.04 -16.62 7.45
N VAL A 155 -1.79 -16.33 6.41
CA VAL A 155 -1.74 -17.17 5.25
C VAL A 155 -1.17 -16.35 4.11
N THR A 156 -0.10 -16.90 3.55
CA THR A 156 0.67 -16.25 2.53
C THR A 156 0.12 -16.66 1.18
N TYR A 157 -0.51 -15.71 0.47
CA TYR A 157 -0.87 -15.85 -0.95
C TYR A 157 0.11 -15.08 -1.89
N VAL A 158 0.35 -15.64 -3.06
CA VAL A 158 1.07 -15.00 -4.10
C VAL A 158 0.11 -14.10 -4.83
N LYS A 159 0.45 -12.82 -4.91
CA LYS A 159 -0.42 -11.81 -5.51
C LYS A 159 -0.57 -12.06 -6.99
N ASP A 160 -1.81 -12.01 -7.45
CA ASP A 160 -2.12 -12.32 -8.82
C ASP A 160 -2.36 -11.00 -9.54
N GLU A 161 -1.34 -10.47 -10.21
CA GLU A 161 -1.40 -9.13 -10.85
C GLU A 161 -0.46 -9.08 -12.06
N LEU A 162 -0.60 -8.05 -12.90
CA LEU A 162 0.32 -7.88 -14.01
C LEU A 162 1.72 -7.48 -13.51
N ARG A 163 2.75 -7.96 -14.20
CA ARG A 163 4.09 -7.50 -13.97
C ARG A 163 4.83 -7.29 -15.28
N SER A 164 6.02 -6.76 -15.20
CA SER A 164 6.86 -6.69 -16.36
C SER A 164 7.46 -8.05 -16.70
N ILE A 165 7.81 -8.22 -17.97
CA ILE A 165 8.61 -9.37 -18.45
C ILE A 165 9.77 -9.77 -17.51
N GLU A 166 10.53 -8.77 -17.05
CA GLU A 166 11.68 -9.01 -16.18
C GLU A 166 11.25 -9.67 -14.85
N LYS A 167 10.14 -9.20 -14.30
CA LYS A 167 9.70 -9.67 -13.00
C LYS A 167 9.04 -11.04 -13.09
N VAL A 168 8.37 -11.27 -14.22
CA VAL A 168 7.82 -12.58 -14.53
C VAL A 168 8.97 -13.58 -14.67
N ALA A 169 9.97 -13.21 -15.48
CA ALA A 169 11.16 -14.04 -15.69
C ALA A 169 11.89 -14.34 -14.41
N LYS A 170 12.22 -13.30 -13.64
CA LYS A 170 12.97 -13.50 -12.39
C LYS A 170 12.11 -14.12 -11.30
N GLY A 171 10.79 -14.12 -11.50
CA GLY A 171 9.88 -14.84 -10.65
C GLY A 171 9.54 -14.10 -9.39
N LYS A 172 9.74 -12.78 -9.45
CA LYS A 172 9.69 -11.94 -8.26
C LYS A 172 8.28 -11.44 -8.10
N SER A 173 7.35 -12.35 -7.81
CA SER A 173 5.93 -11.99 -7.60
C SER A 173 5.78 -11.49 -6.16
N ARG A 174 4.90 -10.52 -5.91
CA ARG A 174 4.79 -10.03 -4.51
C ARG A 174 3.93 -11.05 -3.72
N LEU A 175 4.19 -11.13 -2.40
CA LEU A 175 3.41 -11.94 -1.43
C LEU A 175 2.43 -11.05 -0.64
N ILE A 176 1.24 -11.56 -0.34
CA ILE A 176 0.38 -10.86 0.64
C ILE A 176 -0.07 -11.78 1.71
N GLU A 177 -0.01 -11.31 2.95
CA GLU A 177 -0.47 -12.07 4.12
C GLU A 177 -1.94 -11.78 4.39
N ALA A 178 -2.72 -12.84 4.61
CA ALA A 178 -4.06 -12.66 5.14
C ALA A 178 -4.04 -12.93 6.62
N SER A 179 -4.53 -11.94 7.35
CA SER A 179 -4.62 -12.03 8.80
C SER A 179 -5.86 -12.86 9.13
N SER A 180 -5.79 -13.67 10.17
CA SER A 180 -6.99 -14.35 10.58
C SER A 180 -8.05 -13.31 10.81
N LEU A 181 -9.26 -13.54 10.33
CA LEU A 181 -10.31 -12.58 10.56
C LEU A 181 -10.30 -12.03 11.99
N ASN A 182 -10.15 -12.93 12.95
CA ASN A 182 -10.08 -12.52 14.35
C ASN A 182 -9.13 -11.36 14.60
N ASP A 183 -7.89 -11.56 14.17
CA ASP A 183 -6.85 -10.53 14.24
C ASP A 183 -7.19 -9.30 13.37
N SER A 184 -7.68 -9.50 12.17
CA SER A 184 -8.10 -8.35 11.42
C SER A 184 -9.00 -7.50 12.31
N VAL A 185 -9.86 -8.13 13.11
CA VAL A 185 -10.95 -7.40 13.79
C VAL A 185 -10.47 -6.77 15.10
N ALA A 186 -9.74 -7.56 15.87
CA ALA A 186 -9.01 -7.04 17.00
C ALA A 186 -8.31 -5.72 16.66
N MET A 187 -7.41 -5.76 15.67
CA MET A 187 -6.61 -4.60 15.27
C MET A 187 -7.49 -3.46 14.84
N ARG A 188 -8.51 -3.70 14.04
CA ARG A 188 -9.39 -2.60 13.69
C ARG A 188 -10.05 -1.97 14.96
N GLN A 189 -10.25 -2.76 16.02
CA GLN A 189 -10.78 -2.21 17.27
C GLN A 189 -9.77 -1.35 17.96
N THR A 190 -8.58 -1.93 18.14
CA THR A 190 -7.53 -1.26 18.85
C THR A 190 -7.07 0.02 18.20
N PHE A 191 -7.05 0.05 16.86
CA PHE A 191 -6.46 1.18 16.12
C PHE A 191 -7.43 1.84 15.21
N GLY A 192 -8.67 1.41 15.25
CA GLY A 192 -9.64 1.94 14.33
C GLY A 192 -9.68 3.44 14.35
N ASN A 193 -9.50 4.01 15.53
CA ASN A 193 -9.66 5.44 15.67
C ASN A 193 -8.53 6.17 15.01
N LEU A 194 -7.34 5.60 15.15
CA LEU A 194 -6.17 6.06 14.42
C LEU A 194 -6.40 6.02 12.90
N TYR A 195 -6.65 4.83 12.35
CA TYR A 195 -6.93 4.69 10.92
C TYR A 195 -7.92 5.78 10.47
N LYS A 196 -8.96 6.00 11.28
CA LYS A 196 -10.01 6.96 10.98
C LYS A 196 -9.43 8.36 10.78
N THR A 197 -8.50 8.75 11.65
CA THR A 197 -7.92 10.08 11.57
C THR A 197 -7.02 10.23 10.33
N PHE A 198 -6.01 9.39 10.20
CA PHE A 198 -5.23 9.36 8.95
C PHE A 198 -6.05 9.37 7.63
N HIS A 199 -7.12 8.57 7.54
CA HIS A 199 -7.94 8.60 6.31
C HIS A 199 -8.59 9.93 6.15
N LEU A 200 -9.01 10.53 7.26
CA LEU A 200 -9.74 11.80 7.16
C LEU A 200 -8.82 13.00 7.12
N ASN A 201 -7.52 12.78 7.31
CA ASN A 201 -6.50 13.84 7.31
C ASN A 201 -5.20 13.46 6.57
N PRO A 202 -5.34 13.17 5.28
CA PRO A 202 -4.15 12.97 4.50
C PRO A 202 -3.40 14.30 4.32
N GLY A 203 -2.08 14.22 4.35
CA GLY A 203 -1.22 15.36 4.03
C GLY A 203 -0.01 15.44 4.94
N VAL A 204 0.23 16.64 5.43
CA VAL A 204 1.54 17.02 5.99
C VAL A 204 1.58 16.88 7.51
N VAL A 205 0.42 16.91 8.13
CA VAL A 205 0.40 16.68 9.55
C VAL A 205 0.52 15.20 9.88
N THR A 206 -0.22 14.36 9.15
CA THR A 206 -0.06 12.89 9.24
C THR A 206 1.17 12.40 8.51
N GLY A 207 1.50 13.10 7.43
CA GLY A 207 2.63 12.66 6.62
C GLY A 207 2.24 11.41 5.86
N SER A 208 0.94 11.33 5.50
CA SER A 208 0.33 10.14 4.92
C SER A 208 -0.66 10.52 3.87
N ALA A 209 -0.75 9.71 2.82
CA ALA A 209 -1.73 9.96 1.77
C ALA A 209 -2.70 8.81 1.61
N VAL A 210 -2.50 7.77 2.43
CA VAL A 210 -3.40 6.62 2.53
C VAL A 210 -4.84 7.05 2.69
N GLY A 211 -5.69 6.53 1.84
CA GLY A 211 -7.07 6.87 1.85
C GLY A 211 -7.43 8.00 0.92
N CYS A 212 -6.47 8.67 0.31
CA CYS A 212 -6.80 9.91 -0.43
C CYS A 212 -7.50 9.72 -1.75
N ASP A 213 -7.96 10.81 -2.33
CA ASP A 213 -8.56 10.82 -3.65
C ASP A 213 -7.79 11.81 -4.57
N PRO A 214 -6.90 11.27 -5.42
CA PRO A 214 -6.01 12.08 -6.23
C PRO A 214 -6.70 13.17 -6.99
N ASP A 215 -7.82 12.89 -7.60
CA ASP A 215 -8.55 13.94 -8.30
C ASP A 215 -8.70 15.17 -7.37
N LEU A 216 -8.85 14.98 -6.07
CA LEU A 216 -8.98 16.10 -5.13
C LEU A 216 -7.69 16.54 -4.47
N PHE A 217 -6.84 15.57 -4.12
CA PHE A 217 -5.67 15.81 -3.27
C PHE A 217 -4.47 16.38 -4.02
N TRP A 218 -4.30 15.95 -5.26
CA TRP A 218 -3.22 16.48 -6.08
C TRP A 218 -3.15 18.00 -5.93
N SER A 219 -4.31 18.68 -5.94
CA SER A 219 -4.27 20.13 -5.96
C SER A 219 -3.73 20.71 -4.65
N LYS A 220 -3.81 19.97 -3.57
CA LYS A 220 -3.23 20.43 -2.30
C LYS A 220 -1.73 20.18 -2.20
N ILE A 221 -1.19 19.28 -3.01
CA ILE A 221 0.13 18.80 -2.69
C ILE A 221 1.21 19.86 -2.85
N PRO A 222 1.24 20.59 -3.97
CA PRO A 222 2.23 21.63 -4.19
C PRO A 222 2.11 22.76 -3.19
N VAL A 223 0.89 23.04 -2.75
CA VAL A 223 0.74 23.97 -1.66
C VAL A 223 1.46 23.48 -0.41
N MET A 224 1.25 22.25 0.02
CA MET A 224 1.89 21.82 1.24
C MET A 224 3.42 21.61 1.08
N LEU A 225 3.87 21.38 -0.14
CA LEU A 225 5.28 21.08 -0.43
C LEU A 225 5.85 22.20 -1.29
N ASP A 226 6.13 23.33 -0.66
CA ASP A 226 6.56 24.54 -1.35
C ASP A 226 8.09 24.58 -1.57
N GLY A 227 8.84 23.70 -0.92
CA GLY A 227 10.32 23.79 -0.91
C GLY A 227 10.99 23.18 -2.12
N HIS A 228 12.26 22.79 -1.98
CA HIS A 228 12.93 21.97 -3.01
C HIS A 228 12.51 20.52 -2.82
N LEU A 229 11.89 19.93 -3.84
CA LEU A 229 11.42 18.52 -3.79
C LEU A 229 12.49 17.50 -3.50
N ILE A 230 12.14 16.49 -2.72
CA ILE A 230 12.90 15.27 -2.50
C ILE A 230 12.01 14.02 -2.73
N ALA A 231 12.53 12.98 -3.37
CA ALA A 231 11.75 11.83 -3.77
C ALA A 231 12.63 10.67 -4.17
N PHE A 232 12.24 9.46 -3.81
CA PHE A 232 13.03 8.27 -4.12
C PHE A 232 12.26 6.96 -3.95
N ASP A 233 12.82 5.91 -4.52
CA ASP A 233 12.17 4.63 -4.51
C ASP A 233 12.79 3.84 -3.41
N TYR A 234 12.07 2.83 -2.96
CA TYR A 234 12.68 1.75 -2.21
C TYR A 234 12.67 0.48 -3.06
N SER A 235 13.53 -0.48 -2.73
CA SER A 235 13.39 -1.85 -3.24
C SER A 235 13.09 -2.75 -2.06
N GLY A 236 11.87 -3.28 -2.03
CA GLY A 236 11.47 -4.22 -0.99
C GLY A 236 11.35 -3.62 0.38
N TYR A 237 10.70 -2.46 0.48
CA TYR A 237 10.52 -1.75 1.76
C TYR A 237 9.98 -2.66 2.83
N ASP A 238 8.75 -3.15 2.64
CA ASP A 238 7.99 -3.97 3.63
C ASP A 238 8.85 -5.03 4.21
N ALA A 239 9.54 -5.76 3.35
CA ALA A 239 10.38 -6.84 3.83
C ALA A 239 11.72 -6.43 4.33
N SER A 240 12.20 -5.24 3.99
CA SER A 240 13.49 -4.78 4.51
C SER A 240 13.42 -4.19 5.93
N LEU A 241 12.25 -3.94 6.48
CA LEU A 241 12.19 -3.29 7.78
C LEU A 241 12.71 -4.17 8.91
N SER A 242 13.81 -3.79 9.57
CA SER A 242 14.28 -4.52 10.77
C SER A 242 13.47 -4.17 12.00
N PRO A 243 13.58 -4.99 13.04
CA PRO A 243 12.79 -4.84 14.25
C PRO A 243 12.89 -3.43 14.87
N VAL A 244 14.08 -2.84 14.78
CA VAL A 244 14.30 -1.54 15.37
C VAL A 244 13.26 -0.53 14.90
N TRP A 245 12.80 -0.65 13.65
CA TRP A 245 11.81 0.30 13.16
C TRP A 245 10.44 0.10 13.83
N PHE A 246 10.18 -1.13 14.20
CA PHE A 246 8.94 -1.49 14.87
C PHE A 246 8.98 -0.96 16.30
N ALA A 247 10.11 -1.18 16.95
CA ALA A 247 10.42 -0.50 18.20
C ALA A 247 10.09 1.02 18.13
N CYS A 248 10.59 1.72 17.11
CA CYS A 248 10.33 3.15 16.98
C CYS A 248 8.85 3.39 16.86
N LEU A 249 8.17 2.56 16.09
CA LEU A 249 6.73 2.72 15.96
C LEU A 249 6.03 2.52 17.28
N LYS A 250 6.56 1.60 18.08
CA LYS A 250 5.97 1.28 19.35
C LYS A 250 6.00 2.55 20.20
N MET A 251 7.20 3.08 20.40
CA MET A 251 7.43 4.40 21.03
C MET A 251 6.49 5.48 20.52
N LEU A 252 6.47 5.66 19.22
CA LEU A 252 5.61 6.64 18.63
C LEU A 252 4.17 6.47 19.07
N LEU A 253 3.73 5.23 19.20
CA LEU A 253 2.35 4.96 19.56
C LEU A 253 2.12 5.23 21.03
N GLU A 254 3.13 4.91 21.84
CA GLU A 254 3.06 5.15 23.29
C GLU A 254 2.93 6.65 23.58
N LYS A 255 3.83 7.48 23.03
CA LYS A 255 3.65 8.93 23.07
C LYS A 255 2.26 9.37 22.64
N LEU A 256 1.54 8.56 21.89
CA LEU A 256 0.19 8.94 21.51
C LEU A 256 -0.84 8.54 22.56
N GLY A 257 -0.42 7.76 23.55
CA GLY A 257 -1.31 7.30 24.62
C GLY A 257 -1.71 5.83 24.56
N TYR A 258 -1.35 5.13 23.49
CA TYR A 258 -1.54 3.70 23.50
C TYR A 258 -0.70 3.18 24.70
N THR A 259 -1.18 2.13 25.36
CA THR A 259 -0.44 1.48 26.45
C THR A 259 0.33 0.28 25.91
N HIS A 260 1.32 -0.20 26.66
CA HIS A 260 2.12 -1.38 26.30
C HIS A 260 1.25 -2.55 25.74
N LYS A 261 0.16 -2.87 26.41
CA LYS A 261 -0.74 -3.96 25.94
C LYS A 261 -1.29 -3.67 24.55
N GLU A 262 -1.79 -2.44 24.37
CA GLU A 262 -2.35 -1.99 23.10
C GLU A 262 -1.29 -2.04 21.95
N THR A 263 -0.01 -2.10 22.30
CA THR A 263 1.05 -2.10 21.32
C THR A 263 1.63 -3.49 21.12
N ASN A 264 1.16 -4.48 21.87
CA ASN A 264 1.60 -5.85 21.61
C ASN A 264 1.35 -6.22 20.15
N TYR A 265 0.26 -5.70 19.60
CA TYR A 265 -0.06 -5.96 18.21
C TYR A 265 1.02 -5.69 17.20
N ILE A 266 1.89 -4.73 17.45
CA ILE A 266 3.02 -4.50 16.58
C ILE A 266 3.94 -5.71 16.59
N ASP A 267 4.12 -6.38 17.72
CA ASP A 267 4.92 -7.60 17.73
C ASP A 267 4.26 -8.72 16.91
N TYR A 268 2.93 -8.75 16.90
CA TYR A 268 2.19 -9.62 16.01
C TYR A 268 2.78 -9.46 14.61
N LEU A 269 2.72 -8.21 14.11
CA LEU A 269 3.29 -7.81 12.80
C LEU A 269 4.83 -8.08 12.62
N CYS A 270 5.60 -7.80 13.65
CA CYS A 270 7.03 -7.80 13.48
C CYS A 270 7.46 -9.23 13.47
N ASN A 271 7.13 -9.96 14.53
CA ASN A 271 7.51 -11.38 14.64
C ASN A 271 6.32 -12.27 14.32
N SER A 272 6.34 -12.80 13.10
CA SER A 272 5.14 -13.33 12.50
C SER A 272 5.29 -14.81 12.20
N HIS A 273 4.14 -15.49 12.19
CA HIS A 273 4.02 -16.92 12.03
C HIS A 273 3.25 -17.06 10.74
N HIS A 274 3.78 -17.81 9.76
CA HIS A 274 3.14 -17.86 8.43
C HIS A 274 2.88 -19.27 7.90
N LEU A 275 1.80 -19.40 7.15
CA LEU A 275 1.50 -20.63 6.43
C LEU A 275 1.44 -20.40 4.94
N TYR A 276 2.27 -21.13 4.22
CA TYR A 276 2.28 -21.05 2.78
C TYR A 276 2.17 -22.47 2.22
N ARG A 277 1.12 -22.70 1.41
CA ARG A 277 0.89 -24.01 0.81
C ARG A 277 1.14 -25.11 1.85
N ASP A 278 2.26 -25.84 1.71
CA ASP A 278 2.54 -26.98 2.56
C ASP A 278 3.68 -26.73 3.49
N LYS A 279 4.16 -25.48 3.55
CA LYS A 279 5.21 -25.10 4.53
C LYS A 279 4.67 -24.12 5.56
N HIS A 280 5.39 -24.07 6.66
CA HIS A 280 5.03 -23.21 7.75
C HIS A 280 6.31 -22.58 8.34
N TYR A 281 6.31 -21.25 8.43
CA TYR A 281 7.56 -20.53 8.78
C TYR A 281 7.39 -19.28 9.67
N PHE A 282 8.41 -18.97 10.48
CA PHE A 282 8.43 -17.73 11.30
C PHE A 282 9.33 -16.68 10.70
N VAL A 283 8.98 -15.42 10.91
CA VAL A 283 9.76 -14.33 10.35
C VAL A 283 9.96 -13.28 11.42
N ARG A 284 11.22 -12.88 11.60
CA ARG A 284 11.57 -11.77 12.50
C ARG A 284 11.77 -10.48 11.69
N GLY A 285 10.93 -9.50 11.92
CA GLY A 285 11.01 -8.30 11.11
C GLY A 285 10.29 -8.40 9.77
N GLY A 286 10.22 -7.29 9.06
CA GLY A 286 9.45 -7.17 7.84
C GLY A 286 8.01 -6.89 8.17
N MET A 287 7.41 -5.90 7.54
CA MET A 287 5.98 -5.66 7.59
C MET A 287 5.27 -6.67 6.69
N PRO A 288 4.26 -7.35 7.22
CA PRO A 288 3.52 -8.36 6.47
C PRO A 288 2.41 -7.76 5.59
N SER A 289 2.83 -7.20 4.47
CA SER A 289 1.91 -6.51 3.55
C SER A 289 0.59 -7.25 3.43
N GLY A 290 -0.49 -6.65 3.93
CA GLY A 290 -1.84 -7.18 3.80
C GLY A 290 -2.64 -7.30 5.10
N CYS A 291 -1.96 -7.59 6.21
CA CYS A 291 -2.59 -7.58 7.55
C CYS A 291 -3.24 -6.21 7.84
N SER A 292 -3.99 -6.09 8.94
CA SER A 292 -4.69 -4.81 9.21
C SER A 292 -3.71 -3.64 9.36
N GLY A 293 -4.11 -2.49 8.81
CA GLY A 293 -3.33 -1.27 8.92
C GLY A 293 -1.89 -1.26 8.40
N THR A 294 -1.53 -2.12 7.46
CA THR A 294 -0.13 -2.18 7.08
C THR A 294 0.32 -0.97 6.25
N SER A 295 -0.56 -0.30 5.49
CA SER A 295 -0.11 0.87 4.74
C SER A 295 0.10 2.06 5.65
N ILE A 296 -0.78 2.20 6.62
CA ILE A 296 -0.68 3.22 7.61
C ILE A 296 0.59 3.00 8.37
N PHE A 297 0.83 1.79 8.86
CA PHE A 297 1.99 1.64 9.70
C PHE A 297 3.27 1.78 8.90
N ASN A 298 3.21 1.43 7.62
CA ASN A 298 4.35 1.62 6.72
C ASN A 298 4.63 3.10 6.56
N SER A 299 3.61 3.84 6.18
CA SER A 299 3.70 5.30 6.18
C SER A 299 4.28 5.93 7.45
N MET A 300 3.76 5.55 8.60
CA MET A 300 4.19 6.13 9.85
C MET A 300 5.69 5.93 10.04
N ILE A 301 6.12 4.71 9.89
CA ILE A 301 7.53 4.36 9.96
C ILE A 301 8.37 5.08 8.92
N ASN A 302 7.83 5.28 7.73
CA ASN A 302 8.59 5.99 6.71
C ASN A 302 8.84 7.41 7.14
N ASN A 303 7.83 8.07 7.72
CA ASN A 303 8.00 9.38 8.36
C ASN A 303 9.11 9.34 9.43
N ILE A 304 9.19 8.28 10.22
CA ILE A 304 10.29 8.18 11.16
C ILE A 304 11.62 7.94 10.47
N ILE A 305 11.60 7.19 9.39
CA ILE A 305 12.85 6.83 8.76
C ILE A 305 13.48 8.03 8.11
N ILE A 306 12.76 8.70 7.23
CA ILE A 306 13.35 9.83 6.54
C ILE A 306 13.92 10.82 7.58
N ARG A 307 13.12 11.24 8.55
CA ARG A 307 13.59 12.18 9.58
C ARG A 307 14.91 11.68 10.18
N THR A 308 14.91 10.47 10.68
CA THR A 308 16.17 9.85 11.04
C THR A 308 17.35 10.06 10.01
N LEU A 309 17.11 9.97 8.71
CA LEU A 309 18.24 9.98 7.78
C LEU A 309 18.75 11.40 7.55
N MET A 310 17.86 12.35 7.29
CA MET A 310 18.18 13.78 7.41
C MET A 310 19.03 14.12 8.69
N LEU A 311 18.60 13.68 9.87
CA LEU A 311 19.33 14.01 11.09
C LEU A 311 20.74 13.45 11.09
N LYS A 312 20.92 12.25 10.61
CA LYS A 312 22.21 11.60 10.72
C LYS A 312 23.18 12.15 9.71
N VAL A 313 22.68 12.80 8.66
CA VAL A 313 23.54 13.26 7.56
C VAL A 313 23.69 14.78 7.60
N TYR A 314 22.57 15.48 7.69
CA TYR A 314 22.53 16.93 7.80
C TYR A 314 22.40 17.32 9.26
N LYS A 315 23.50 17.19 10.00
CA LYS A 315 23.50 17.46 11.44
C LYS A 315 22.89 18.81 11.86
N GLY A 316 23.08 19.86 11.06
CA GLY A 316 22.43 21.15 11.35
C GLY A 316 20.97 21.30 10.92
N ILE A 317 20.26 20.21 10.69
CA ILE A 317 18.97 20.28 10.02
C ILE A 317 17.83 20.73 10.96
N ASP A 318 16.94 21.60 10.45
CA ASP A 318 15.72 22.09 11.16
C ASP A 318 14.46 21.39 10.62
N LEU A 319 13.97 20.36 11.33
CA LEU A 319 12.85 19.57 10.79
C LEU A 319 11.55 20.31 10.71
N ASP A 320 11.39 21.40 11.44
CA ASP A 320 10.12 22.12 11.37
C ASP A 320 9.88 22.74 10.01
N GLN A 321 10.85 22.68 9.10
CA GLN A 321 10.65 23.18 7.74
C GLN A 321 10.66 22.05 6.69
N PHE A 322 10.92 20.84 7.17
CA PHE A 322 10.71 19.61 6.41
C PHE A 322 9.23 19.27 6.28
N ARG A 323 8.84 18.74 5.13
CA ARG A 323 7.45 18.31 4.86
C ARG A 323 7.44 17.00 4.06
N MET A 324 6.73 15.98 4.52
CA MET A 324 6.57 14.75 3.72
C MET A 324 5.18 14.15 3.71
N ILE A 325 4.90 13.44 2.64
CA ILE A 325 3.70 12.63 2.50
C ILE A 325 4.14 11.27 2.03
N ALA A 326 3.77 10.25 2.76
CA ALA A 326 4.02 8.85 2.39
C ALA A 326 2.72 8.12 2.09
N TYR A 327 2.74 7.25 1.08
CA TYR A 327 1.74 6.15 1.00
C TYR A 327 2.51 4.88 1.14
N GLY A 328 2.50 4.30 2.33
CA GLY A 328 3.39 3.18 2.60
C GLY A 328 4.83 3.52 2.29
N ASP A 329 5.38 2.93 1.24
CA ASP A 329 6.78 3.16 0.87
C ASP A 329 6.99 4.30 -0.13
N ASP A 330 5.91 4.81 -0.71
CA ASP A 330 6.02 5.84 -1.71
C ASP A 330 6.11 7.20 -1.01
N VAL A 331 7.25 7.89 -1.14
CA VAL A 331 7.40 9.22 -0.55
C VAL A 331 7.53 10.39 -1.51
N ILE A 332 6.91 11.50 -1.16
CA ILE A 332 7.30 12.74 -1.74
C ILE A 332 7.48 13.75 -0.57
N ALA A 333 8.57 14.53 -0.64
CA ALA A 333 8.99 15.46 0.44
C ALA A 333 9.56 16.80 -0.05
N SER A 334 9.68 17.76 0.87
CA SER A 334 10.40 19.01 0.59
C SER A 334 11.04 19.73 1.81
N TYR A 335 12.13 20.43 1.50
CA TYR A 335 12.92 21.25 2.41
C TYR A 335 13.25 22.53 1.66
N PRO A 336 13.52 23.64 2.38
CA PRO A 336 13.75 24.87 1.60
C PRO A 336 15.11 24.91 0.95
N TRP A 337 16.03 24.08 1.42
CA TRP A 337 17.33 23.99 0.79
C TRP A 337 17.52 22.66 0.07
N PRO A 338 18.37 22.65 -0.97
CA PRO A 338 18.73 21.43 -1.65
C PRO A 338 19.29 20.39 -0.72
N ILE A 339 18.96 19.13 -1.07
CA ILE A 339 19.29 17.92 -0.32
C ILE A 339 19.81 16.81 -1.25
N ASP A 340 20.89 16.15 -0.85
CA ASP A 340 21.49 15.12 -1.68
C ASP A 340 20.88 13.80 -1.27
N ALA A 341 19.99 13.29 -2.10
CA ALA A 341 19.27 12.04 -1.82
C ALA A 341 20.20 10.83 -1.71
N SER A 342 21.30 10.85 -2.47
CA SER A 342 22.27 9.75 -2.44
C SER A 342 22.94 9.62 -1.10
N LEU A 343 23.15 10.75 -0.43
CA LEU A 343 23.68 10.69 0.92
C LEU A 343 22.73 9.93 1.85
N LEU A 344 21.45 10.29 1.82
CA LEU A 344 20.43 9.56 2.57
C LEU A 344 20.37 8.05 2.20
N ALA A 345 20.38 7.77 0.91
CA ALA A 345 20.36 6.40 0.51
C ALA A 345 21.51 5.59 1.09
N GLU A 346 22.71 6.16 1.16
CA GLU A 346 23.81 5.41 1.75
C GLU A 346 23.65 5.43 3.27
N ALA A 347 23.06 6.47 3.83
CA ALA A 347 22.78 6.40 5.27
C ALA A 347 21.85 5.25 5.52
N GLY A 348 20.85 5.15 4.64
CA GLY A 348 19.79 4.14 4.73
C GLY A 348 20.33 2.72 4.68
N LYS A 349 21.06 2.41 3.59
CA LYS A 349 21.82 1.17 3.48
C LYS A 349 22.31 0.71 4.86
N GLY A 350 22.87 1.63 5.65
CA GLY A 350 23.39 1.25 6.97
C GLY A 350 22.34 0.77 7.95
N TYR A 351 21.09 1.14 7.72
CA TYR A 351 20.00 0.70 8.56
C TYR A 351 19.23 -0.45 7.91
N GLY A 352 19.79 -1.03 6.84
CA GLY A 352 19.15 -2.11 6.11
C GLY A 352 18.03 -1.72 5.16
N LEU A 353 18.08 -0.52 4.60
CA LEU A 353 17.09 -0.14 3.61
C LEU A 353 17.82 0.00 2.29
N ILE A 354 17.07 -0.14 1.20
CA ILE A 354 17.61 -0.10 -0.13
C ILE A 354 16.87 1.01 -0.84
N MET A 355 17.42 2.23 -0.76
CA MET A 355 16.75 3.38 -1.34
C MET A 355 17.36 3.59 -2.69
N THR A 356 16.55 4.01 -3.66
CA THR A 356 17.01 4.17 -5.05
C THR A 356 16.46 5.46 -5.67
N PRO A 357 17.07 5.90 -6.78
CA PRO A 357 16.62 7.14 -7.39
C PRO A 357 15.14 7.11 -7.68
N ALA A 358 14.46 8.26 -7.55
CA ALA A 358 13.04 8.34 -7.89
C ALA A 358 12.80 7.77 -9.28
N ASP A 359 11.67 7.06 -9.43
CA ASP A 359 11.40 6.17 -10.57
C ASP A 359 12.60 5.26 -10.80
N LYS A 360 12.49 4.29 -11.69
CA LYS A 360 13.71 3.62 -12.10
C LYS A 360 14.51 4.89 -12.47
N GLY A 361 15.81 4.87 -12.30
CA GLY A 361 16.56 6.11 -12.47
C GLY A 361 18.05 5.93 -12.39
N GLU A 362 18.73 6.50 -13.38
CA GLU A 362 20.20 6.56 -13.45
C GLU A 362 20.81 7.05 -12.13
N CYS A 363 20.60 8.33 -11.84
CA CYS A 363 21.25 8.99 -10.73
C CYS A 363 20.16 9.68 -9.92
N PHE A 364 20.48 10.07 -8.70
CA PHE A 364 19.56 10.83 -7.86
C PHE A 364 19.43 12.25 -8.38
N ASN A 365 18.89 12.38 -9.59
CA ASN A 365 18.79 13.66 -10.27
C ASN A 365 17.96 14.67 -9.48
N GLU A 366 17.87 15.88 -9.97
CA GLU A 366 17.04 16.84 -9.29
C GLU A 366 15.63 16.47 -9.69
N VAL A 367 14.72 16.64 -8.74
CA VAL A 367 13.35 16.33 -8.92
C VAL A 367 12.59 17.64 -9.16
N THR A 368 11.93 17.76 -10.29
CA THR A 368 11.00 18.87 -10.46
C THR A 368 9.57 18.39 -10.39
N TRP A 369 8.67 19.35 -10.36
CA TRP A 369 7.30 19.07 -10.63
C TRP A 369 7.07 18.50 -12.00
N THR A 370 7.97 18.79 -12.94
CA THR A 370 7.80 18.20 -14.25
C THR A 370 7.96 16.70 -14.12
N ASN A 371 9.00 16.29 -13.43
CA ASN A 371 9.32 14.89 -13.44
C ASN A 371 8.79 14.12 -12.21
N ALA A 372 8.25 14.82 -11.23
CA ALA A 372 7.81 14.14 -10.01
C ALA A 372 6.59 13.28 -10.26
N THR A 373 6.62 12.10 -9.64
CA THR A 373 5.49 11.19 -9.59
C THR A 373 5.23 10.71 -8.17
N PHE A 374 3.95 10.45 -7.92
CA PHE A 374 3.49 9.96 -6.63
C PHE A 374 2.28 9.06 -6.88
N LEU A 375 2.34 7.86 -6.32
CA LEU A 375 1.34 6.82 -6.64
C LEU A 375 1.28 6.68 -8.14
N LYS A 376 2.46 6.54 -8.75
CA LYS A 376 2.58 6.37 -10.19
C LYS A 376 1.97 7.47 -11.03
N ARG A 377 1.55 8.59 -10.44
CA ARG A 377 0.97 9.69 -11.22
C ARG A 377 1.87 10.95 -11.25
N TYR A 378 1.82 11.68 -12.36
CA TYR A 378 2.53 12.94 -12.54
C TYR A 378 1.64 14.07 -12.08
N PHE A 379 2.19 15.27 -12.01
CA PHE A 379 1.38 16.42 -11.66
C PHE A 379 1.38 17.42 -12.78
N ARG A 380 0.22 17.95 -13.14
CA ARG A 380 0.13 18.94 -14.18
C ARG A 380 -0.99 19.93 -13.91
N ALA A 381 -0.59 21.12 -13.52
CA ALA A 381 -1.47 22.26 -13.44
C ALA A 381 -2.42 22.28 -14.62
N ASP A 382 -3.69 22.53 -14.35
CA ASP A 382 -4.66 22.77 -15.39
C ASP A 382 -4.28 24.02 -16.22
N GLU A 383 -4.39 23.95 -17.54
CA GLU A 383 -4.08 25.13 -18.35
C GLU A 383 -4.92 26.36 -18.01
N GLN A 384 -6.17 26.17 -17.66
CA GLN A 384 -7.06 27.30 -17.45
C GLN A 384 -7.21 27.69 -15.97
N TYR A 385 -7.04 26.73 -15.06
CA TYR A 385 -7.22 26.95 -13.61
C TYR A 385 -5.93 26.54 -12.90
N PRO A 386 -4.95 27.45 -12.89
CA PRO A 386 -3.58 27.06 -12.57
C PRO A 386 -3.40 26.54 -11.16
N PHE A 387 -4.35 26.88 -10.30
CA PHE A 387 -4.31 26.42 -8.92
C PHE A 387 -4.89 25.04 -8.74
N LEU A 388 -5.53 24.51 -9.79
CA LEU A 388 -5.90 23.10 -9.83
C LEU A 388 -4.82 22.26 -10.51
N VAL A 389 -4.43 21.16 -9.86
CA VAL A 389 -3.55 20.16 -10.45
C VAL A 389 -4.18 18.78 -10.78
N HIS A 390 -3.83 18.33 -11.98
CA HIS A 390 -4.24 17.05 -12.55
C HIS A 390 -3.31 15.95 -12.11
N PRO A 391 -3.86 14.86 -11.54
CA PRO A 391 -3.04 13.65 -11.40
C PRO A 391 -3.06 12.94 -12.74
N VAL A 392 -1.86 12.69 -13.27
CA VAL A 392 -1.74 12.18 -14.62
C VAL A 392 -1.08 10.85 -14.58
N MET A 393 -1.89 9.78 -14.52
CA MET A 393 -1.41 8.44 -14.79
C MET A 393 -0.96 8.40 -16.26
N PRO A 394 0.21 7.80 -16.50
CA PRO A 394 0.63 7.56 -17.87
C PRO A 394 -0.30 6.56 -18.66
N MET A 395 -0.70 6.96 -19.87
CA MET A 395 -1.41 6.10 -20.76
C MET A 395 -0.66 4.76 -20.98
N LYS A 396 0.66 4.76 -20.88
CA LYS A 396 1.38 3.49 -20.90
C LYS A 396 0.76 2.52 -19.87
N ASP A 397 0.58 2.98 -18.63
CA ASP A 397 0.02 2.16 -17.55
C ASP A 397 -1.47 1.89 -17.78
N ILE A 398 -2.16 2.79 -18.43
CA ILE A 398 -3.55 2.55 -18.64
C ILE A 398 -3.70 1.48 -19.68
N HIS A 399 -2.92 1.58 -20.76
CA HIS A 399 -2.92 0.62 -21.84
C HIS A 399 -2.66 -0.79 -21.30
N GLU A 400 -1.61 -0.94 -20.52
CA GLU A 400 -1.38 -2.25 -19.87
C GLU A 400 -2.62 -2.82 -19.12
N SER A 401 -3.34 -1.99 -18.37
CA SER A 401 -4.42 -2.52 -17.53
C SER A 401 -5.60 -3.06 -18.35
N ILE A 402 -5.91 -2.37 -19.45
CA ILE A 402 -7.14 -2.64 -20.19
C ILE A 402 -7.04 -3.87 -21.09
N ARG A 403 -5.84 -4.41 -21.19
CA ARG A 403 -5.58 -5.54 -22.05
C ARG A 403 -5.77 -6.86 -21.31
N TRP A 404 -6.28 -6.80 -20.09
CA TRP A 404 -6.51 -8.02 -19.36
C TRP A 404 -7.70 -7.78 -18.48
N THR A 405 -8.11 -8.85 -17.81
CA THR A 405 -9.29 -8.84 -16.93
C THR A 405 -9.43 -10.13 -16.16
N LYS A 406 -9.86 -9.98 -14.92
CA LYS A 406 -10.15 -11.13 -14.09
C LYS A 406 -11.58 -11.59 -14.29
N ASP A 407 -12.44 -10.72 -14.84
CA ASP A 407 -13.84 -11.06 -15.07
C ASP A 407 -14.46 -10.11 -16.06
N PRO A 408 -14.65 -10.56 -17.29
CA PRO A 408 -15.28 -9.82 -18.37
C PRO A 408 -16.64 -9.23 -18.03
N LYS A 409 -17.29 -9.78 -17.01
CA LYS A 409 -18.60 -9.26 -16.59
C LYS A 409 -18.58 -7.84 -16.10
N ASN A 410 -17.43 -7.41 -15.59
CA ASN A 410 -17.23 -6.03 -15.10
C ASN A 410 -16.62 -5.11 -16.14
N THR A 411 -16.51 -5.58 -17.37
CA THR A 411 -15.80 -4.83 -18.36
C THR A 411 -16.25 -3.41 -18.28
N GLN A 412 -17.55 -3.16 -18.14
CA GLN A 412 -17.97 -1.75 -18.19
C GLN A 412 -17.37 -0.93 -17.08
N ASP A 413 -17.65 -1.32 -15.84
CA ASP A 413 -17.00 -0.73 -14.68
C ASP A 413 -15.50 -0.48 -14.88
N HIS A 414 -14.75 -1.49 -15.33
CA HIS A 414 -13.29 -1.40 -15.52
C HIS A 414 -12.89 -0.24 -16.42
N VAL A 415 -13.55 -0.18 -17.54
CA VAL A 415 -13.20 0.78 -18.53
C VAL A 415 -13.58 2.20 -18.10
N ARG A 416 -14.64 2.34 -17.32
CA ARG A 416 -15.00 3.66 -16.80
C ARG A 416 -13.99 4.10 -15.72
N SER A 417 -13.47 3.16 -14.94
CA SER A 417 -12.38 3.46 -14.03
C SER A 417 -11.23 4.06 -14.78
N LEU A 418 -10.83 3.41 -15.86
CA LEU A 418 -9.72 3.89 -16.66
C LEU A 418 -10.09 5.16 -17.34
N CYS A 419 -11.35 5.37 -17.62
CA CYS A 419 -11.70 6.63 -18.24
C CYS A 419 -11.46 7.78 -17.29
N LEU A 420 -11.81 7.61 -16.01
CA LEU A 420 -11.55 8.60 -14.95
C LEU A 420 -10.06 8.93 -14.80
N LEU A 421 -9.19 7.97 -15.12
CA LEU A 421 -7.78 8.26 -15.14
C LEU A 421 -7.30 8.94 -16.42
N ALA A 422 -7.80 8.50 -17.55
CA ALA A 422 -7.16 8.88 -18.80
C ALA A 422 -7.33 10.33 -19.12
N TRP A 423 -8.52 10.86 -18.88
CA TRP A 423 -8.83 12.21 -19.38
C TRP A 423 -7.88 13.29 -18.79
N HIS A 424 -7.26 13.03 -17.66
CA HIS A 424 -6.21 13.89 -17.18
C HIS A 424 -5.02 14.02 -18.15
N ASN A 425 -4.87 13.14 -19.13
CA ASN A 425 -3.81 13.33 -20.12
C ASN A 425 -4.27 14.28 -21.23
N GLY A 426 -5.48 14.81 -21.09
CA GLY A 426 -5.96 15.75 -22.09
C GLY A 426 -6.77 15.20 -23.26
N GLU A 427 -7.63 16.05 -23.80
CA GLU A 427 -8.61 15.74 -24.83
C GLU A 427 -8.14 14.98 -26.09
N HIS A 428 -7.03 15.35 -26.75
CA HIS A 428 -6.56 14.55 -27.90
C HIS A 428 -6.37 13.13 -27.45
N GLU A 429 -5.55 12.97 -26.41
CA GLU A 429 -5.22 11.67 -25.83
C GLU A 429 -6.45 10.88 -25.34
N TYR A 430 -7.47 11.59 -24.87
CA TYR A 430 -8.71 10.92 -24.44
C TYR A 430 -9.42 10.43 -25.66
N GLU A 431 -9.78 11.35 -26.56
CA GLU A 431 -10.56 10.98 -27.75
C GLU A 431 -9.92 9.81 -28.54
N GLU A 432 -8.59 9.79 -28.60
CA GLU A 432 -7.89 8.70 -29.28
C GLU A 432 -8.09 7.36 -28.53
N PHE A 433 -7.96 7.41 -27.22
CA PHE A 433 -8.24 6.26 -26.37
C PHE A 433 -9.64 5.72 -26.61
N ILE A 434 -10.60 6.61 -26.78
CA ILE A 434 -12.00 6.22 -26.95
C ILE A 434 -12.23 5.59 -28.32
N ARG A 435 -11.57 6.15 -29.33
CA ARG A 435 -11.62 5.62 -30.69
C ARG A 435 -11.18 4.14 -30.68
N LYS A 436 -10.01 3.89 -30.10
CA LYS A 436 -9.47 2.55 -30.01
C LYS A 436 -10.41 1.61 -29.22
N ILE A 437 -10.94 2.10 -28.12
CA ILE A 437 -11.90 1.33 -27.38
C ILE A 437 -13.08 0.93 -28.26
N ARG A 438 -13.59 1.92 -28.98
CA ARG A 438 -14.73 1.74 -29.85
C ARG A 438 -14.43 1.01 -31.16
N SER A 439 -13.18 0.58 -31.33
CA SER A 439 -12.78 -0.12 -32.54
C SER A 439 -13.11 -1.62 -32.45
N VAL A 440 -13.60 -2.05 -31.29
CA VAL A 440 -14.18 -3.38 -31.17
C VAL A 440 -15.64 -3.24 -30.80
N PRO A 441 -16.45 -4.24 -31.15
CA PRO A 441 -17.88 -4.04 -30.91
C PRO A 441 -18.22 -3.83 -29.45
N VAL A 442 -17.54 -4.49 -28.53
CA VAL A 442 -17.92 -4.30 -27.13
C VAL A 442 -17.79 -2.83 -26.71
N GLY A 443 -16.74 -2.22 -27.24
CA GLY A 443 -16.49 -0.82 -27.05
C GLY A 443 -17.77 -0.04 -27.14
N ARG A 444 -18.55 -0.35 -28.16
CA ARG A 444 -19.69 0.48 -28.49
C ARG A 444 -20.91 0.12 -27.66
N CYS A 445 -20.81 -0.91 -26.82
CA CYS A 445 -21.95 -1.31 -25.99
C CYS A 445 -21.83 -0.72 -24.61
N LEU A 446 -20.75 0.02 -24.39
CA LEU A 446 -20.43 0.61 -23.11
C LEU A 446 -20.88 2.05 -23.09
N THR A 447 -21.39 2.44 -21.91
CA THR A 447 -21.70 3.82 -21.58
C THR A 447 -20.40 4.43 -21.06
N LEU A 448 -19.86 5.38 -21.84
CA LEU A 448 -18.58 6.01 -21.56
C LEU A 448 -18.71 7.53 -21.41
N PRO A 449 -18.15 8.08 -20.32
CA PRO A 449 -18.38 9.49 -20.03
C PRO A 449 -17.65 10.34 -21.04
N ALA A 450 -18.28 11.41 -21.48
CA ALA A 450 -17.67 12.31 -22.47
C ALA A 450 -16.54 13.13 -21.82
N PHE A 451 -15.54 13.54 -22.59
CA PHE A 451 -14.50 14.42 -22.01
C PHE A 451 -15.11 15.59 -21.28
N SER A 452 -15.93 16.35 -21.98
CA SER A 452 -16.55 17.53 -21.42
C SER A 452 -17.21 17.22 -20.06
N THR A 453 -17.80 16.05 -19.90
CA THR A 453 -18.50 15.73 -18.64
C THR A 453 -17.54 15.48 -17.48
N LEU A 454 -16.49 14.71 -17.73
CA LEU A 454 -15.46 14.47 -16.75
C LEU A 454 -14.86 15.78 -16.26
N ARG A 455 -14.58 16.68 -17.21
CA ARG A 455 -14.07 18.01 -16.88
C ARG A 455 -15.00 18.80 -15.94
N ARG A 456 -16.21 19.05 -16.38
CA ARG A 456 -17.20 19.71 -15.52
C ARG A 456 -17.34 19.05 -14.15
N LYS A 457 -17.38 17.73 -14.08
CA LYS A 457 -17.65 17.10 -12.79
C LYS A 457 -16.46 17.28 -11.87
N TRP A 458 -15.26 17.36 -12.46
CA TRP A 458 -14.02 17.55 -11.68
C TRP A 458 -13.95 18.96 -11.13
N LEU A 459 -14.09 19.95 -12.02
CA LEU A 459 -14.21 21.32 -11.58
C LEU A 459 -15.30 21.42 -10.55
N ASP A 460 -16.51 20.93 -10.78
CA ASP A 460 -17.47 21.17 -9.72
C ASP A 460 -17.07 20.37 -8.49
N SER A 461 -16.07 19.48 -8.54
CA SER A 461 -15.79 18.69 -7.31
C SER A 461 -15.11 19.50 -6.21
N PHE A 462 -14.59 20.66 -6.56
CA PHE A 462 -13.89 21.52 -5.63
C PHE A 462 -14.85 22.48 -4.93
N HIS A 463 -16.07 22.57 -5.43
CA HIS A 463 -17.08 23.49 -4.86
C HIS A 463 -17.55 23.12 -3.46
N HIS A 464 -17.83 21.84 -3.22
CA HIS A 464 -18.59 21.46 -2.03
C HIS A 464 -17.81 20.66 -0.97
N HIS A 465 -18.09 21.09 0.24
CA HIS A 465 -17.13 21.32 1.25
C HIS A 465 -16.42 20.09 1.66
N HIS A 466 -15.56 20.30 2.65
CA HIS A 466 -14.74 19.29 3.19
C HIS A 466 -13.97 20.08 4.23
#